data_9IP6
#
_entry.id   9IP6
#
_cell.length_a   40.600
_cell.length_b   126.814
_cell.length_c   47.231
_cell.angle_alpha   90.00
_cell.angle_beta   110.74
_cell.angle_gamma   90.00
#
_symmetry.space_group_name_H-M   'P 1 21 1'
#
loop_
_entity.id
_entity.type
_entity.pdbx_description
1 polymer 'Disease resistance protein RGA5'
2 polymer 'AVR1-CO39 protein'
3 water water
#
loop_
_entity_poly.entity_id
_entity_poly.type
_entity_poly.pdbx_seq_one_letter_code
_entity_poly.pdbx_strand_id
1 'polypeptide(L)'
;MSHHHHHHSMQRTKIVVKVHMPCGKSRAKALALAASVNGVDSVEITGEDKDRLVVVGRGIDPVRLVALLREKCGLAELLM
VELV
;
A,B,E
2 'polypeptide(L)' MAWKDCIIQRYKDGDVNNIYTANRNEEITIEEYKVFVNEACHPYPVILPDRSVLSGDFTSAYLEHHHHHH C,D
#
# COMPACT_ATOMS: atom_id res chain seq x y z
N ARG A 12 14.46 20.67 -16.96
CA ARG A 12 13.40 19.87 -16.37
C ARG A 12 12.75 18.88 -17.39
N THR A 13 13.30 17.67 -17.46
CA THR A 13 12.79 16.65 -18.37
C THR A 13 11.98 15.59 -17.62
N LYS A 14 11.00 15.03 -18.31
CA LYS A 14 10.24 13.88 -17.83
C LYS A 14 10.46 12.71 -18.79
N ILE A 15 10.87 11.57 -18.26
CA ILE A 15 11.28 10.42 -19.05
C ILE A 15 10.41 9.23 -18.63
N VAL A 16 9.87 8.53 -19.62
CA VAL A 16 8.97 7.40 -19.39
C VAL A 16 9.65 6.16 -19.94
N VAL A 17 9.64 5.09 -19.15
CA VAL A 17 10.40 3.88 -19.48
C VAL A 17 9.53 2.65 -19.22
N LYS A 18 9.31 1.82 -20.24
CA LYS A 18 8.76 0.49 -19.98
C LYS A 18 9.85 -0.37 -19.35
N VAL A 19 9.57 -0.95 -18.19
CA VAL A 19 10.54 -1.78 -17.50
C VAL A 19 9.88 -3.11 -17.18
N HIS A 20 10.62 -4.19 -17.34
CA HIS A 20 10.13 -5.49 -16.93
C HIS A 20 10.26 -5.59 -15.43
N MET A 21 9.15 -5.43 -14.71
CA MET A 21 9.14 -5.50 -13.25
C MET A 21 7.85 -6.18 -12.82
N PRO A 22 7.79 -7.51 -12.94
CA PRO A 22 6.51 -8.21 -12.81
C PRO A 22 5.95 -8.23 -11.39
N CYS A 23 6.79 -8.21 -10.36
CA CYS A 23 6.32 -8.21 -8.99
C CYS A 23 6.83 -6.98 -8.24
N GLY A 24 6.35 -6.84 -7.00
CA GLY A 24 6.67 -5.67 -6.19
C GLY A 24 8.14 -5.56 -5.81
N LYS A 25 8.83 -6.68 -5.65
CA LYS A 25 10.25 -6.62 -5.35
C LYS A 25 11.03 -6.04 -6.53
N SER A 26 10.60 -6.27 -7.77
CA SER A 26 11.34 -5.70 -8.89
C SER A 26 10.94 -4.25 -9.14
N ARG A 27 9.67 -3.91 -8.93
CA ARG A 27 9.28 -2.51 -8.90
C ARG A 27 10.09 -1.72 -7.88
N ALA A 28 10.42 -2.34 -6.75
CA ALA A 28 11.22 -1.63 -5.76
C ALA A 28 12.68 -1.53 -6.21
N LYS A 29 13.19 -2.55 -6.88
CA LYS A 29 14.56 -2.50 -7.37
C LYS A 29 14.70 -1.46 -8.48
N ALA A 30 13.76 -1.47 -9.43
CA ALA A 30 13.80 -0.50 -10.50
C ALA A 30 13.68 0.94 -9.98
N LEU A 31 12.75 1.20 -9.04
CA LEU A 31 12.59 2.54 -8.48
C LEU A 31 13.90 3.06 -7.92
N ALA A 32 14.54 2.26 -7.05
CA ALA A 32 15.84 2.60 -6.47
C ALA A 32 16.92 2.73 -7.53
N LEU A 33 16.87 1.90 -8.58
CA LEU A 33 17.94 1.94 -9.58
C LEU A 33 17.86 3.20 -10.42
N ALA A 34 16.66 3.59 -10.86
CA ALA A 34 16.50 4.85 -11.58
C ALA A 34 16.92 6.01 -10.70
N ALA A 35 16.49 6.01 -9.43
CA ALA A 35 16.81 7.11 -8.51
C ALA A 35 18.31 7.34 -8.39
N SER A 36 19.12 6.28 -8.56
CA SER A 36 20.56 6.40 -8.43
C SER A 36 21.20 7.25 -9.51
N VAL A 37 20.50 7.54 -10.59
CA VAL A 37 21.09 8.15 -11.79
C VAL A 37 21.09 9.67 -11.68
N ASN A 38 22.20 10.29 -12.08
CA ASN A 38 22.40 11.73 -11.90
C ASN A 38 21.25 12.54 -12.48
N GLY A 39 20.76 13.47 -11.70
CA GLY A 39 19.68 14.34 -12.14
C GLY A 39 18.28 13.87 -11.79
N VAL A 40 18.12 12.63 -11.33
CA VAL A 40 16.78 12.15 -11.00
C VAL A 40 16.34 12.79 -9.69
N ASP A 41 15.18 13.46 -9.73
CA ASP A 41 14.55 13.91 -8.49
C ASP A 41 13.46 12.96 -8.03
N SER A 42 12.64 12.46 -8.95
CA SER A 42 11.56 11.54 -8.58
C SER A 42 11.43 10.44 -9.61
N VAL A 43 10.92 9.30 -9.15
CA VAL A 43 10.59 8.16 -9.98
C VAL A 43 9.20 7.67 -9.57
N GLU A 44 8.37 7.38 -10.55
CA GLU A 44 7.01 6.93 -10.27
C GLU A 44 6.71 5.65 -11.05
N ILE A 45 5.82 4.82 -10.48
CA ILE A 45 5.25 3.66 -11.14
C ILE A 45 3.89 4.03 -11.71
N THR A 46 3.68 3.81 -13.01
CA THR A 46 2.41 4.08 -13.69
C THR A 46 2.13 2.98 -14.70
N GLY A 47 1.00 3.11 -15.38
CA GLY A 47 0.47 2.12 -16.30
C GLY A 47 -0.47 1.14 -15.62
N GLU A 48 -1.43 0.63 -16.39
CA GLU A 48 -2.38 -0.32 -15.80
C GLU A 48 -1.70 -1.63 -15.40
N ASP A 49 -0.51 -1.91 -15.90
CA ASP A 49 0.20 -3.14 -15.56
C ASP A 49 1.43 -2.89 -14.71
N LYS A 50 1.51 -1.72 -14.06
CA LYS A 50 2.56 -1.41 -13.09
C LYS A 50 3.95 -1.67 -13.69
N ASP A 51 4.15 -1.18 -14.92
CA ASP A 51 5.35 -1.53 -15.67
C ASP A 51 5.99 -0.34 -16.35
N ARG A 52 5.66 0.88 -15.95
CA ARG A 52 6.28 2.07 -16.52
C ARG A 52 6.85 2.93 -15.41
N LEU A 53 8.09 3.36 -15.60
CA LEU A 53 8.74 4.33 -14.72
C LEU A 53 8.63 5.71 -15.34
N VAL A 54 8.12 6.67 -14.57
CA VAL A 54 8.15 8.08 -14.96
C VAL A 54 9.25 8.73 -14.13
N VAL A 55 10.33 9.10 -14.79
CA VAL A 55 11.53 9.63 -14.14
C VAL A 55 11.59 11.12 -14.42
N VAL A 56 11.67 11.91 -13.34
CA VAL A 56 11.65 13.38 -13.46
C VAL A 56 12.89 13.96 -12.80
N GLY A 57 13.59 14.83 -13.52
CA GLY A 57 14.76 15.49 -12.98
C GLY A 57 15.35 16.54 -13.88
N ARG A 58 16.65 16.81 -13.75
CA ARG A 58 17.32 17.85 -14.52
C ARG A 58 18.69 17.33 -14.96
N GLY A 59 18.92 17.33 -16.28
CA GLY A 59 20.18 16.84 -16.80
C GLY A 59 20.33 15.34 -16.83
N ILE A 60 19.21 14.61 -16.88
CA ILE A 60 19.28 13.14 -16.88
C ILE A 60 19.83 12.66 -18.21
N ASP A 61 20.77 11.72 -18.17
CA ASP A 61 21.21 11.07 -19.40
C ASP A 61 20.30 9.86 -19.66
N PRO A 62 19.32 9.99 -20.54
CA PRO A 62 18.29 8.94 -20.64
C PRO A 62 18.80 7.66 -21.27
N VAL A 63 19.91 7.71 -22.03
CA VAL A 63 20.49 6.48 -22.55
C VAL A 63 21.14 5.68 -21.44
N ARG A 64 21.85 6.37 -20.55
CA ARG A 64 22.45 5.71 -19.40
C ARG A 64 21.40 5.19 -18.44
N LEU A 65 20.29 5.93 -18.27
CA LEU A 65 19.18 5.48 -17.43
C LEU A 65 18.58 4.17 -17.92
N VAL A 66 18.24 4.10 -19.21
CA VAL A 66 17.60 2.91 -19.75
C VAL A 66 18.58 1.74 -19.77
N ALA A 67 19.85 1.99 -20.09
CA ALA A 67 20.85 0.92 -20.08
C ALA A 67 20.96 0.28 -18.70
N LEU A 68 20.95 1.09 -17.64
CA LEU A 68 21.04 0.55 -16.28
C LEU A 68 19.82 -0.31 -15.95
N LEU A 69 18.63 0.22 -16.22
CA LEU A 69 17.42 -0.57 -15.96
C LEU A 69 17.39 -1.82 -16.81
N ARG A 70 17.86 -1.73 -18.05
CA ARG A 70 17.92 -2.90 -18.92
C ARG A 70 18.86 -3.95 -18.35
N GLU A 71 20.08 -3.53 -17.96
CA GLU A 71 21.06 -4.47 -17.41
C GLU A 71 20.52 -5.23 -16.19
N LYS A 72 19.67 -4.59 -15.39
CA LYS A 72 19.26 -5.18 -14.13
C LYS A 72 17.86 -5.76 -14.14
N CYS A 73 17.01 -5.35 -15.09
CA CYS A 73 15.64 -5.84 -15.16
C CYS A 73 15.36 -6.65 -16.42
N GLY A 74 16.32 -6.76 -17.34
CA GLY A 74 16.11 -7.54 -18.54
C GLY A 74 15.60 -6.72 -19.70
N LEU A 75 14.47 -6.03 -19.51
CA LEU A 75 13.85 -5.21 -20.53
C LEU A 75 13.72 -3.78 -20.01
N ALA A 76 14.09 -2.83 -20.86
CA ALA A 76 13.89 -1.41 -20.59
C ALA A 76 13.77 -0.70 -21.93
N GLU A 77 12.59 -0.17 -22.23
CA GLU A 77 12.34 0.56 -23.46
C GLU A 77 12.09 2.03 -23.15
N LEU A 78 12.82 2.90 -23.82
CA LEU A 78 12.63 4.33 -23.67
C LEU A 78 11.42 4.76 -24.47
N LEU A 79 10.31 5.03 -23.78
CA LEU A 79 9.09 5.42 -24.48
C LEU A 79 9.07 6.90 -24.83
N MET A 80 9.55 7.77 -23.94
CA MET A 80 9.39 9.20 -24.17
C MET A 80 10.34 10.02 -23.31
N VAL A 81 10.83 11.11 -23.88
CA VAL A 81 11.50 12.19 -23.18
C VAL A 81 10.77 13.47 -23.50
N GLU A 82 10.63 14.35 -22.51
CA GLU A 82 9.80 15.52 -22.68
C GLU A 82 10.20 16.59 -21.68
N LEU A 83 10.16 17.84 -22.12
CA LEU A 83 10.42 18.98 -21.25
C LEU A 83 9.24 19.25 -20.34
N VAL A 84 9.53 19.75 -19.14
CA VAL A 84 8.46 20.00 -18.18
C VAL A 84 8.89 20.97 -17.08
N ALA B 2 24.68 6.79 -7.16
CA ALA B 2 24.49 7.57 -5.95
C ALA B 2 24.99 9.00 -6.16
N TRP B 3 24.21 9.80 -6.89
CA TRP B 3 24.52 11.21 -7.01
C TRP B 3 23.98 12.03 -5.85
N LYS B 4 23.01 11.49 -5.10
CA LYS B 4 22.55 12.10 -3.86
C LYS B 4 22.57 11.05 -2.76
N ASP B 5 22.73 11.52 -1.51
CA ASP B 5 22.95 10.59 -0.40
C ASP B 5 21.72 9.75 -0.11
N CYS B 6 20.51 10.29 -0.27
CA CYS B 6 19.33 9.68 0.32
C CYS B 6 18.29 9.37 -0.74
N ILE B 7 17.49 8.36 -0.44
CA ILE B 7 16.27 8.03 -1.16
C ILE B 7 15.13 8.10 -0.17
N ILE B 8 14.15 8.94 -0.45
CA ILE B 8 12.94 9.00 0.36
C ILE B 8 11.86 8.19 -0.33
N GLN B 9 11.37 7.17 0.35
CA GLN B 9 10.29 6.37 -0.18
C GLN B 9 8.95 6.83 0.38
N ARG B 10 7.92 6.74 -0.46
CA ARG B 10 6.60 7.28 -0.12
C ARG B 10 5.55 6.18 -0.32
N TYR B 11 4.95 5.77 0.78
CA TYR B 11 4.00 4.67 0.81
C TYR B 11 2.59 5.23 0.89
N LYS B 12 1.78 4.96 -0.13
CA LYS B 12 0.38 5.37 -0.09
C LYS B 12 -0.47 4.32 -0.78
N ASP B 13 -1.62 3.98 -0.17
CA ASP B 13 -2.59 3.05 -0.74
C ASP B 13 -1.97 1.69 -1.01
N GLY B 14 -1.26 1.16 -0.01
CA GLY B 14 -0.75 -0.20 -0.06
C GLY B 14 0.53 -0.43 -0.83
N ASP B 15 1.16 0.62 -1.35
CA ASP B 15 2.39 0.45 -2.13
C ASP B 15 3.26 1.70 -2.07
N VAL B 16 4.56 1.48 -2.23
CA VAL B 16 5.48 2.55 -2.58
C VAL B 16 5.49 2.68 -4.10
N ASN B 17 4.95 3.79 -4.60
CA ASN B 17 4.90 4.06 -6.03
C ASN B 17 5.67 5.29 -6.42
N ASN B 18 6.35 5.91 -5.47
CA ASN B 18 7.01 7.18 -5.66
C ASN B 18 8.25 7.18 -4.78
N ILE B 19 9.38 7.62 -5.33
CA ILE B 19 10.55 7.83 -4.50
C ILE B 19 11.24 9.09 -4.98
N TYR B 20 11.91 9.75 -4.04
CA TYR B 20 12.51 11.06 -4.26
C TYR B 20 13.94 11.00 -3.75
N THR B 21 14.82 11.75 -4.39
CA THR B 21 16.19 11.86 -3.93
C THR B 21 16.40 13.12 -3.08
N ALA B 22 17.44 13.08 -2.27
CA ALA B 22 17.75 14.18 -1.37
C ALA B 22 19.15 13.94 -0.81
N ASN B 23 19.89 15.03 -0.62
CA ASN B 23 21.12 14.95 0.16
C ASN B 23 20.79 15.18 1.61
N ARG B 24 21.69 14.75 2.49
CA ARG B 24 21.48 14.94 3.91
C ARG B 24 21.38 16.44 4.20
N ASN B 25 20.39 16.81 5.02
CA ASN B 25 20.11 18.20 5.41
C ASN B 25 19.52 19.04 4.29
N GLU B 26 18.97 18.41 3.26
CA GLU B 26 18.27 19.09 2.17
C GLU B 26 16.77 19.12 2.44
N GLU B 27 16.11 20.18 1.99
CA GLU B 27 14.65 20.23 1.95
C GLU B 27 14.18 19.99 0.52
N ILE B 28 13.41 18.95 0.31
CA ILE B 28 12.81 18.67 -0.99
C ILE B 28 11.32 18.97 -0.90
N THR B 29 10.66 18.97 -2.07
CA THR B 29 9.21 19.08 -2.16
C THR B 29 8.66 17.76 -2.70
N ILE B 30 7.60 17.28 -2.09
CA ILE B 30 6.90 16.09 -2.53
C ILE B 30 5.45 16.49 -2.69
N GLU B 31 4.99 16.52 -3.94
CA GLU B 31 3.70 17.12 -4.30
C GLU B 31 3.71 18.54 -3.74
N GLU B 32 2.72 18.95 -2.96
CA GLU B 32 2.70 20.33 -2.46
C GLU B 32 3.54 20.52 -1.19
N TYR B 33 4.05 19.45 -0.61
CA TYR B 33 4.58 19.43 0.75
C TYR B 33 6.09 19.59 0.80
N LYS B 34 6.57 20.27 1.83
CA LYS B 34 7.99 20.40 2.08
C LYS B 34 8.41 19.30 3.04
N VAL B 35 9.51 18.63 2.71
CA VAL B 35 10.04 17.54 3.52
C VAL B 35 11.49 17.86 3.80
N PHE B 36 11.87 17.79 5.07
CA PHE B 36 13.24 17.98 5.48
C PHE B 36 13.84 16.62 5.75
N VAL B 37 15.10 16.44 5.33
CA VAL B 37 15.78 15.16 5.36
C VAL B 37 17.08 15.33 6.12
N ASN B 38 17.21 14.64 7.24
CA ASN B 38 18.28 14.97 8.17
C ASN B 38 19.56 14.22 7.80
N GLU B 39 20.56 14.31 8.68
CA GLU B 39 21.86 13.73 8.41
C GLU B 39 21.83 12.21 8.41
N ALA B 40 20.74 11.58 8.86
CA ALA B 40 20.57 10.14 8.74
C ALA B 40 19.63 9.74 7.61
N CYS B 41 19.36 10.66 6.67
CA CYS B 41 18.45 10.42 5.55
C CYS B 41 17.02 10.18 6.02
N HIS B 42 16.66 10.65 7.22
CA HIS B 42 15.29 10.42 7.64
C HIS B 42 14.43 11.63 7.32
N PRO B 43 13.23 11.43 6.80
CA PRO B 43 12.41 12.56 6.38
C PRO B 43 11.50 13.06 7.48
N TYR B 44 11.31 14.38 7.49
CA TYR B 44 10.37 15.04 8.37
C TYR B 44 9.47 15.97 7.55
N PRO B 45 8.14 15.92 7.72
CA PRO B 45 7.40 15.02 8.60
C PRO B 45 7.41 13.60 8.09
N VAL B 46 7.00 12.64 8.91
CA VAL B 46 6.90 11.26 8.46
C VAL B 46 5.57 11.03 7.76
N ILE B 47 4.48 11.59 8.29
CA ILE B 47 3.15 11.42 7.70
C ILE B 47 2.78 12.71 6.99
N LEU B 48 2.70 12.66 5.67
CA LEU B 48 2.26 13.82 4.90
C LEU B 48 0.77 14.09 5.14
N PRO B 49 0.31 15.32 4.87
CA PRO B 49 -1.12 15.63 5.09
C PRO B 49 -2.08 14.75 4.32
N ASP B 50 -1.66 14.17 3.19
CA ASP B 50 -2.46 13.20 2.45
C ASP B 50 -2.39 11.78 3.05
N ARG B 51 -1.96 11.68 4.32
CA ARG B 51 -1.81 10.43 5.08
C ARG B 51 -0.84 9.44 4.42
N SER B 52 -0.03 9.89 3.45
CA SER B 52 1.03 9.04 2.93
C SER B 52 2.25 9.08 3.85
N VAL B 53 3.05 8.02 3.78
CA VAL B 53 4.02 7.69 4.82
C VAL B 53 5.42 7.75 4.25
N LEU B 54 6.28 8.60 4.83
CA LEU B 54 7.61 8.85 4.32
C LEU B 54 8.66 8.04 5.07
N SER B 55 9.64 7.55 4.32
CA SER B 55 10.67 6.66 4.80
C SER B 55 11.93 6.99 4.02
N GLY B 56 13.09 6.83 4.65
CA GLY B 56 14.32 7.20 3.99
C GLY B 56 15.51 6.45 4.52
N ASP B 57 16.57 6.46 3.71
CA ASP B 57 17.83 5.83 4.06
C ASP B 57 18.84 6.25 3.00
N PHE B 58 20.10 5.90 3.23
CA PHE B 58 21.12 6.14 2.22
C PHE B 58 20.82 5.34 0.95
N THR B 59 21.24 5.89 -0.19
CA THR B 59 20.86 5.32 -1.48
C THR B 59 21.24 3.85 -1.60
N SER B 60 22.46 3.48 -1.19
CA SER B 60 22.90 2.10 -1.41
C SER B 60 22.09 1.09 -0.60
N ALA B 61 21.63 1.45 0.59
CA ALA B 61 20.74 0.57 1.33
C ALA B 61 19.39 0.39 0.66
N TYR B 62 19.07 1.19 -0.37
CA TYR B 62 17.75 1.25 -1.04
C TYR B 62 16.61 1.69 -0.06
N GLN C 11 1.74 -22.59 24.84
CA GLN C 11 2.94 -23.17 24.23
C GLN C 11 3.19 -22.56 22.83
N ARG C 12 4.42 -22.07 22.60
CA ARG C 12 4.72 -21.24 21.43
C ARG C 12 5.22 -22.10 20.27
N THR C 13 4.37 -22.31 19.27
CA THR C 13 4.70 -23.21 18.17
C THR C 13 4.71 -22.48 16.83
N LYS C 14 5.46 -23.05 15.90
CA LYS C 14 5.61 -22.52 14.55
C LYS C 14 5.10 -23.53 13.53
N ILE C 15 4.29 -23.04 12.59
CA ILE C 15 3.51 -23.90 11.72
C ILE C 15 3.75 -23.50 10.27
N VAL C 16 4.31 -24.41 9.48
CA VAL C 16 4.57 -24.18 8.06
C VAL C 16 3.51 -24.91 7.26
N VAL C 17 2.78 -24.17 6.43
CA VAL C 17 1.77 -24.74 5.54
C VAL C 17 2.14 -24.39 4.10
N LYS C 18 2.07 -25.38 3.22
CA LYS C 18 2.11 -25.12 1.78
C LYS C 18 0.71 -24.77 1.32
N VAL C 19 0.57 -23.64 0.63
CA VAL C 19 -0.74 -23.14 0.24
C VAL C 19 -0.72 -22.83 -1.24
N HIS C 20 -1.82 -23.11 -1.93
CA HIS C 20 -1.97 -22.61 -3.28
C HIS C 20 -2.39 -21.16 -3.19
N MET C 21 -1.50 -20.27 -3.61
CA MET C 21 -1.75 -18.84 -3.65
C MET C 21 -0.85 -18.24 -4.73
N PRO C 22 -1.15 -18.47 -6.02
CA PRO C 22 -0.20 -18.10 -7.08
C PRO C 22 -0.05 -16.59 -7.31
N CYS C 23 -0.97 -15.75 -6.86
CA CYS C 23 -0.84 -14.31 -7.07
C CYS C 23 -0.93 -13.58 -5.73
N GLY C 24 -0.71 -12.26 -5.78
CA GLY C 24 -0.77 -11.46 -4.57
C GLY C 24 -2.18 -11.39 -3.99
N LYS C 25 -3.20 -11.40 -4.85
CA LYS C 25 -4.56 -11.27 -4.36
C LYS C 25 -4.98 -12.50 -3.54
N SER C 26 -4.49 -13.68 -3.87
CA SER C 26 -4.81 -14.84 -3.05
C SER C 26 -3.81 -15.04 -1.91
N ARG C 27 -2.60 -14.49 -2.05
CA ARG C 27 -1.67 -14.45 -0.93
C ARG C 27 -2.24 -13.66 0.23
N ALA C 28 -2.81 -12.48 -0.06
CA ALA C 28 -3.36 -11.64 1.00
C ALA C 28 -4.55 -12.32 1.68
N LYS C 29 -5.43 -12.93 0.89
CA LYS C 29 -6.48 -13.77 1.45
C LYS C 29 -5.92 -14.73 2.49
N ALA C 30 -5.00 -15.60 2.06
CA ALA C 30 -4.41 -16.58 2.97
C ALA C 30 -3.83 -15.90 4.21
N LEU C 31 -3.11 -14.78 4.01
CA LEU C 31 -2.56 -14.05 5.15
C LEU C 31 -3.65 -13.70 6.16
N ALA C 32 -4.68 -12.96 5.72
CA ALA C 32 -5.72 -12.50 6.64
C ALA C 32 -6.46 -13.66 7.29
N LEU C 33 -6.64 -14.75 6.54
CA LEU C 33 -7.36 -15.91 7.06
C LEU C 33 -6.60 -16.57 8.21
N ALA C 34 -5.31 -16.85 8.00
CA ALA C 34 -4.52 -17.47 9.06
C ALA C 34 -4.39 -16.54 10.27
N ALA C 35 -4.32 -15.23 10.03
CA ALA C 35 -4.24 -14.26 11.11
C ALA C 35 -5.50 -14.28 11.98
N SER C 36 -6.61 -14.80 11.46
CA SER C 36 -7.84 -14.84 12.23
C SER C 36 -7.97 -16.07 13.13
N VAL C 37 -7.05 -17.03 13.05
CA VAL C 37 -7.13 -18.21 13.90
C VAL C 37 -6.59 -17.91 15.29
N ASN C 38 -7.32 -18.38 16.31
CA ASN C 38 -6.91 -18.27 17.70
C ASN C 38 -5.44 -18.61 17.90
N GLY C 39 -4.72 -17.73 18.57
CA GLY C 39 -3.36 -18.00 18.99
C GLY C 39 -2.29 -17.51 18.03
N VAL C 40 -2.67 -17.08 16.82
CA VAL C 40 -1.68 -16.67 15.84
C VAL C 40 -1.15 -15.27 16.17
N ASP C 41 0.16 -15.12 16.19
CA ASP C 41 0.78 -13.81 16.36
C ASP C 41 1.36 -13.25 15.08
N SER C 42 1.97 -14.07 14.24
CA SER C 42 2.55 -13.57 12.99
C SER C 42 2.39 -14.61 11.89
N VAL C 43 2.26 -14.11 10.67
CA VAL C 43 2.19 -14.94 9.47
C VAL C 43 3.20 -14.42 8.48
N GLU C 44 4.08 -15.29 8.00
CA GLU C 44 5.10 -14.94 7.02
C GLU C 44 4.90 -15.77 5.76
N ILE C 45 5.22 -15.18 4.60
CA ILE C 45 5.29 -15.87 3.32
C ILE C 45 6.75 -16.19 3.02
N THR C 46 7.05 -17.45 2.72
CA THR C 46 8.40 -17.86 2.33
C THR C 46 8.30 -18.89 1.20
N GLY C 47 9.41 -19.59 0.95
CA GLY C 47 9.54 -20.43 -0.20
C GLY C 47 9.94 -19.64 -1.45
N GLU C 48 10.60 -20.33 -2.37
CA GLU C 48 10.98 -19.69 -3.62
C GLU C 48 9.81 -19.51 -4.57
N ASP C 49 8.73 -20.27 -4.38
CA ASP C 49 7.49 -20.08 -5.12
C ASP C 49 6.48 -19.23 -4.35
N LYS C 50 6.89 -18.68 -3.20
CA LYS C 50 6.06 -17.85 -2.33
C LYS C 50 4.74 -18.55 -2.01
N ASP C 51 4.84 -19.82 -1.62
CA ASP C 51 3.66 -20.66 -1.43
C ASP C 51 3.68 -21.36 -0.08
N ARG C 52 4.55 -20.93 0.83
CA ARG C 52 4.58 -21.42 2.19
C ARG C 52 4.24 -20.29 3.15
N LEU C 53 3.28 -20.54 4.04
CA LEU C 53 2.92 -19.64 5.15
C LEU C 53 3.62 -20.10 6.41
N VAL C 54 4.30 -19.19 7.10
CA VAL C 54 4.91 -19.51 8.38
C VAL C 54 4.09 -18.79 9.45
N VAL C 55 3.30 -19.58 10.16
CA VAL C 55 2.39 -19.11 11.21
C VAL C 55 3.06 -19.35 12.54
N VAL C 56 3.13 -18.32 13.39
CA VAL C 56 3.73 -18.43 14.72
C VAL C 56 2.76 -17.92 15.77
N GLY C 57 2.55 -18.71 16.81
CA GLY C 57 1.73 -18.23 17.90
C GLY C 57 1.74 -19.10 19.13
N ARG C 58 0.61 -19.18 19.81
CA ARG C 58 0.53 -19.94 21.06
C ARG C 58 -0.89 -20.49 21.20
N GLY C 59 -0.98 -21.79 21.46
CA GLY C 59 -2.27 -22.44 21.51
C GLY C 59 -2.99 -22.43 20.18
N ILE C 60 -2.26 -22.57 19.09
CA ILE C 60 -2.87 -22.65 17.78
C ILE C 60 -3.32 -24.09 17.53
N ASP C 61 -4.51 -24.25 16.99
CA ASP C 61 -5.03 -25.53 16.54
C ASP C 61 -4.63 -25.73 15.07
N PRO C 62 -3.57 -26.48 14.79
CA PRO C 62 -3.09 -26.57 13.39
C PRO C 62 -4.05 -27.30 12.46
N VAL C 63 -4.90 -28.17 12.99
CA VAL C 63 -5.91 -28.81 12.16
C VAL C 63 -6.95 -27.79 11.72
N ARG C 64 -7.45 -26.96 12.63
CA ARG C 64 -8.43 -25.96 12.21
C ARG C 64 -7.80 -24.93 11.28
N LEU C 65 -6.57 -24.52 11.59
CA LEU C 65 -5.81 -23.64 10.71
C LEU C 65 -5.81 -24.15 9.27
N VAL C 66 -5.24 -25.33 9.06
CA VAL C 66 -5.13 -25.88 7.72
C VAL C 66 -6.49 -26.11 7.06
N ALA C 67 -7.52 -26.50 7.82
CA ALA C 67 -8.83 -26.71 7.22
C ALA C 67 -9.40 -25.42 6.63
N LEU C 68 -9.25 -24.30 7.35
CA LEU C 68 -9.71 -23.01 6.86
C LEU C 68 -8.97 -22.60 5.60
N LEU C 69 -7.64 -22.77 5.59
CA LEU C 69 -6.87 -22.43 4.40
C LEU C 69 -7.28 -23.30 3.21
N ARG C 70 -7.51 -24.60 3.45
CA ARG C 70 -7.91 -25.49 2.38
C ARG C 70 -9.25 -25.09 1.76
N GLU C 71 -10.24 -24.77 2.62
CA GLU C 71 -11.55 -24.27 2.16
C GLU C 71 -11.41 -23.13 1.17
N LYS C 72 -10.42 -22.27 1.38
CA LYS C 72 -10.32 -21.01 0.68
C LYS C 72 -9.30 -21.03 -0.46
N CYS C 73 -8.33 -21.94 -0.41
CA CYS C 73 -7.30 -22.00 -1.44
C CYS C 73 -7.23 -23.34 -2.15
N GLY C 74 -8.13 -24.27 -1.83
CA GLY C 74 -8.11 -25.58 -2.48
C GLY C 74 -7.03 -26.50 -1.97
N LEU C 75 -5.79 -26.02 -1.93
CA LEU C 75 -4.67 -26.79 -1.42
C LEU C 75 -4.14 -26.13 -0.15
N ALA C 76 -3.99 -26.94 0.89
CA ALA C 76 -3.33 -26.50 2.12
C ALA C 76 -2.84 -27.75 2.85
N GLU C 77 -1.54 -27.99 2.83
CA GLU C 77 -1.02 -29.19 3.50
C GLU C 77 -0.01 -28.80 4.57
N LEU C 78 -0.10 -29.50 5.70
CA LEU C 78 0.79 -29.30 6.83
C LEU C 78 2.18 -29.83 6.50
N LEU C 79 3.16 -28.94 6.44
CA LEU C 79 4.55 -29.35 6.29
C LEU C 79 5.26 -29.54 7.63
N MET C 80 4.98 -28.70 8.63
CA MET C 80 5.75 -28.73 9.87
C MET C 80 5.00 -28.07 11.02
N VAL C 81 5.04 -28.70 12.20
CA VAL C 81 4.56 -28.15 13.45
C VAL C 81 5.68 -28.28 14.48
N GLU C 82 6.27 -27.16 14.87
CA GLU C 82 7.49 -27.16 15.68
C GLU C 82 7.32 -26.26 16.89
N LEU C 83 7.88 -26.68 18.03
CA LEU C 83 7.93 -25.82 19.22
C LEU C 83 9.14 -24.90 19.11
N VAL C 84 8.90 -23.59 19.17
CA VAL C 84 9.99 -22.63 19.12
C VAL C 84 10.11 -21.89 20.46
N ALA D 2 -12.84 -12.56 14.40
CA ALA D 2 -11.39 -12.72 14.44
C ALA D 2 -10.94 -12.95 15.87
N TRP D 3 -9.83 -13.65 16.07
CA TRP D 3 -9.38 -13.80 17.44
C TRP D 3 -8.71 -12.53 17.98
N LYS D 4 -8.26 -11.62 17.11
CA LYS D 4 -7.73 -10.33 17.52
C LYS D 4 -8.23 -9.24 16.56
N ASP D 5 -8.16 -7.99 17.05
CA ASP D 5 -8.84 -6.86 16.39
C ASP D 5 -8.12 -6.34 15.16
N CYS D 6 -6.80 -6.52 15.07
CA CYS D 6 -5.99 -5.77 14.10
C CYS D 6 -4.99 -6.64 13.38
N ILE D 7 -4.85 -6.43 12.09
CA ILE D 7 -3.70 -6.90 11.33
C ILE D 7 -2.75 -5.73 11.12
N ILE D 8 -1.49 -5.95 11.43
CA ILE D 8 -0.43 -5.00 11.09
C ILE D 8 0.37 -5.58 9.94
N GLN D 9 0.51 -4.84 8.86
CA GLN D 9 1.34 -5.24 7.73
C GLN D 9 2.71 -4.60 7.79
N ARG D 10 3.73 -5.36 7.44
CA ARG D 10 5.09 -4.85 7.32
C ARG D 10 5.49 -4.88 5.84
N TYR D 11 5.65 -3.69 5.26
CA TYR D 11 6.07 -3.54 3.88
C TYR D 11 7.59 -3.39 3.81
N LYS D 12 8.23 -4.26 3.04
CA LYS D 12 9.68 -4.21 2.84
C LYS D 12 10.01 -4.79 1.46
N ASP D 13 10.83 -4.06 0.71
CA ASP D 13 11.25 -4.46 -0.62
C ASP D 13 10.06 -4.57 -1.58
N GLY D 14 9.25 -3.53 -1.61
CA GLY D 14 8.11 -3.46 -2.49
C GLY D 14 7.01 -4.45 -2.21
N ASP D 15 7.11 -5.23 -1.14
CA ASP D 15 6.15 -6.29 -0.88
C ASP D 15 5.86 -6.39 0.60
N VAL D 16 4.67 -6.92 0.91
CA VAL D 16 4.25 -7.29 2.25
C VAL D 16 4.40 -8.81 2.35
N ASN D 17 5.36 -9.28 3.16
CA ASN D 17 5.52 -10.71 3.35
C ASN D 17 5.37 -11.16 4.80
N ASN D 18 5.06 -10.23 5.70
CA ASN D 18 4.90 -10.52 7.12
C ASN D 18 3.73 -9.68 7.62
N ILE D 19 2.79 -10.31 8.31
CA ILE D 19 1.76 -9.58 9.03
C ILE D 19 1.70 -10.08 10.47
N TYR D 20 1.21 -9.20 11.36
CA TYR D 20 1.20 -9.42 12.80
C TYR D 20 -0.17 -9.08 13.34
N THR D 21 -0.60 -9.81 14.36
CA THR D 21 -1.89 -9.53 14.96
C THR D 21 -1.74 -8.75 16.26
N ALA D 22 -2.77 -7.97 16.57
CA ALA D 22 -2.76 -7.08 17.71
C ALA D 22 -4.19 -6.71 18.04
N ASN D 23 -4.45 -6.51 19.33
CA ASN D 23 -5.68 -5.92 19.79
C ASN D 23 -5.51 -4.41 19.90
N ARG D 24 -6.64 -3.71 19.90
CA ARG D 24 -6.62 -2.27 20.11
C ARG D 24 -5.95 -1.93 21.45
N ASN D 25 -5.00 -1.00 21.43
CA ASN D 25 -4.27 -0.51 22.60
C ASN D 25 -3.26 -1.52 23.11
N GLU D 26 -2.86 -2.46 22.27
CA GLU D 26 -1.87 -3.47 22.63
C GLU D 26 -0.51 -3.12 22.07
N GLU D 27 0.54 -3.41 22.83
CA GLU D 27 1.92 -3.33 22.36
C GLU D 27 2.39 -4.71 21.91
N ILE D 28 2.88 -4.81 20.69
CA ILE D 28 3.42 -6.09 20.25
C ILE D 28 4.89 -5.86 19.95
N THR D 29 5.57 -6.90 19.49
CA THR D 29 6.92 -6.76 19.00
C THR D 29 6.96 -7.31 17.57
N ILE D 30 7.63 -6.58 16.69
CA ILE D 30 7.87 -6.96 15.32
C ILE D 30 9.37 -7.03 15.17
N GLU D 31 9.89 -8.20 14.78
CA GLU D 31 11.32 -8.44 14.79
C GLU D 31 11.85 -8.11 16.19
N GLU D 32 12.66 -7.06 16.34
CA GLU D 32 13.19 -6.70 17.65
C GLU D 32 12.49 -5.50 18.27
N TYR D 33 11.56 -4.88 17.57
CA TYR D 33 11.06 -3.56 17.93
C TYR D 33 9.67 -3.65 18.53
N LYS D 34 9.39 -2.76 19.49
CA LYS D 34 8.07 -2.71 20.11
C LYS D 34 7.20 -1.74 19.32
N VAL D 35 5.94 -2.12 19.15
CA VAL D 35 5.00 -1.36 18.32
C VAL D 35 3.67 -1.28 19.06
N PHE D 36 3.18 -0.07 19.23
CA PHE D 36 1.90 0.16 19.88
C PHE D 36 0.82 0.23 18.80
N VAL D 37 -0.28 -0.48 19.01
CA VAL D 37 -1.40 -0.46 18.08
C VAL D 37 -2.56 0.23 18.78
N ASN D 38 -3.06 1.31 18.21
CA ASN D 38 -4.03 2.12 18.93
C ASN D 38 -5.44 1.63 18.64
N GLU D 39 -6.42 2.42 19.08
CA GLU D 39 -7.82 2.04 18.97
C GLU D 39 -8.32 2.06 17.53
N ALA D 40 -7.60 2.68 16.61
CA ALA D 40 -7.96 2.63 15.20
C ALA D 40 -7.15 1.57 14.45
N CYS D 41 -6.42 0.72 15.17
CA CYS D 41 -5.52 -0.30 14.63
C CYS D 41 -4.32 0.31 13.89
N HIS D 42 -3.95 1.54 14.21
CA HIS D 42 -2.79 2.06 13.51
C HIS D 42 -1.53 1.91 14.35
N PRO D 43 -0.43 1.48 13.76
CA PRO D 43 0.79 1.21 14.52
C PRO D 43 1.59 2.47 14.81
N TYR D 44 2.30 2.43 15.92
CA TYR D 44 3.25 3.49 16.22
C TYR D 44 4.52 2.85 16.75
N PRO D 45 5.68 3.08 16.13
CA PRO D 45 5.87 3.89 14.92
C PRO D 45 5.38 3.23 13.61
N VAL D 46 5.25 4.07 12.59
CA VAL D 46 4.91 3.63 11.24
C VAL D 46 6.12 3.09 10.49
N ILE D 47 7.32 3.33 11.02
CA ILE D 47 8.58 3.04 10.34
C ILE D 47 9.49 2.35 11.34
N LEU D 48 10.00 1.19 10.96
CA LEU D 48 11.00 0.49 11.77
C LEU D 48 12.40 0.92 11.35
N PRO D 49 13.40 0.63 12.19
CA PRO D 49 14.78 0.98 11.80
C PRO D 49 15.25 0.35 10.51
N ASP D 50 14.78 -0.86 10.16
CA ASP D 50 15.19 -1.55 8.95
C ASP D 50 14.48 -1.03 7.68
N ARG D 51 13.87 0.15 7.76
CA ARG D 51 13.13 0.83 6.71
C ARG D 51 11.91 0.05 6.23
N SER D 52 11.35 -0.80 7.09
CA SER D 52 10.01 -1.32 6.86
C SER D 52 8.95 -0.23 7.08
N VAL D 53 7.88 -0.30 6.30
CA VAL D 53 6.70 0.55 6.49
C VAL D 53 5.63 -0.28 7.17
N LEU D 54 5.13 0.18 8.30
CA LEU D 54 4.05 -0.50 9.01
C LEU D 54 2.71 0.15 8.71
N SER D 55 1.67 -0.66 8.73
CA SER D 55 0.34 -0.23 8.35
C SER D 55 -0.63 -1.24 8.96
N GLY D 56 -1.68 -0.75 9.60
CA GLY D 56 -2.60 -1.62 10.29
C GLY D 56 -4.04 -1.29 9.96
N ASP D 57 -4.90 -2.27 10.19
CA ASP D 57 -6.33 -2.07 10.01
C ASP D 57 -7.05 -3.18 10.76
N PHE D 58 -8.36 -3.06 10.84
CA PHE D 58 -9.15 -4.08 11.49
C PHE D 58 -9.05 -5.38 10.71
N THR D 59 -9.05 -6.50 11.45
CA THR D 59 -8.80 -7.79 10.81
C THR D 59 -9.75 -8.04 9.65
N SER D 60 -11.05 -7.82 9.88
CA SER D 60 -12.06 -8.00 8.85
C SER D 60 -11.95 -6.99 7.73
N ALA D 61 -11.19 -5.92 7.91
CA ALA D 61 -10.87 -5.03 6.80
C ALA D 61 -9.71 -5.54 5.94
N TYR D 62 -8.93 -6.51 6.45
CA TYR D 62 -7.75 -7.16 5.83
C TYR D 62 -6.45 -6.39 6.02
N GLN E 11 -28.48 27.08 -4.05
CA GLN E 11 -29.75 26.39 -3.92
C GLN E 11 -29.54 24.94 -3.44
N ARG E 12 -30.59 24.36 -2.85
CA ARG E 12 -30.53 23.04 -2.24
C ARG E 12 -30.82 21.96 -3.29
N THR E 13 -29.85 21.07 -3.51
CA THR E 13 -29.93 20.07 -4.58
C THR E 13 -29.78 18.66 -4.02
N LYS E 14 -30.53 17.72 -4.60
CA LYS E 14 -30.46 16.30 -4.28
C LYS E 14 -29.88 15.55 -5.47
N ILE E 15 -28.86 14.73 -5.22
CA ILE E 15 -28.08 14.10 -6.27
C ILE E 15 -27.98 12.61 -5.99
N VAL E 16 -28.58 11.80 -6.88
CA VAL E 16 -28.51 10.35 -6.76
C VAL E 16 -27.48 9.83 -7.76
N VAL E 17 -26.52 9.06 -7.26
CA VAL E 17 -25.41 8.54 -8.05
C VAL E 17 -25.34 7.03 -7.88
N LYS E 18 -25.14 6.32 -8.99
CA LYS E 18 -24.76 4.91 -8.94
C LYS E 18 -23.24 4.83 -8.84
N VAL E 19 -22.75 4.22 -7.77
CA VAL E 19 -21.31 4.07 -7.55
C VAL E 19 -21.01 2.59 -7.41
N HIS E 20 -19.84 2.18 -7.93
CA HIS E 20 -19.37 0.81 -7.76
C HIS E 20 -18.81 0.66 -6.34
N MET E 21 -19.48 -0.16 -5.52
CA MET E 21 -19.12 -0.33 -4.11
C MET E 21 -19.37 -1.78 -3.71
N PRO E 22 -18.45 -2.69 -4.09
CA PRO E 22 -18.66 -4.12 -3.78
C PRO E 22 -18.91 -4.43 -2.32
N CYS E 23 -17.88 -4.33 -1.48
CA CYS E 23 -17.95 -4.81 -0.11
C CYS E 23 -18.72 -3.82 0.76
N GLY E 24 -18.75 -4.09 2.07
CA GLY E 24 -19.36 -3.16 3.00
C GLY E 24 -18.49 -1.97 3.32
N LYS E 25 -17.16 -2.15 3.37
CA LYS E 25 -16.28 -1.04 3.68
C LYS E 25 -16.14 -0.06 2.52
N SER E 26 -16.25 -0.53 1.28
CA SER E 26 -16.21 0.39 0.16
C SER E 26 -17.46 1.26 0.10
N ARG E 27 -18.62 0.71 0.50
CA ARG E 27 -19.82 1.52 0.63
C ARG E 27 -19.59 2.66 1.60
N ALA E 28 -18.94 2.37 2.74
CA ALA E 28 -18.72 3.39 3.75
C ALA E 28 -17.66 4.39 3.30
N LYS E 29 -16.61 3.91 2.62
CA LYS E 29 -15.60 4.83 2.10
C LYS E 29 -16.22 5.81 1.11
N ALA E 30 -17.10 5.33 0.24
CA ALA E 30 -17.76 6.19 -0.73
C ALA E 30 -18.70 7.18 -0.06
N LEU E 31 -19.44 6.73 0.96
CA LEU E 31 -20.39 7.60 1.64
C LEU E 31 -19.69 8.65 2.50
N ALA E 32 -18.44 8.42 2.89
CA ALA E 32 -17.69 9.42 3.62
C ALA E 32 -16.86 10.32 2.71
N LEU E 33 -16.56 9.85 1.48
CA LEU E 33 -15.93 10.72 0.51
C LEU E 33 -16.86 11.85 0.09
N ALA E 34 -18.14 11.54 -0.15
CA ALA E 34 -19.08 12.55 -0.60
C ALA E 34 -19.55 13.44 0.54
N ALA E 35 -19.50 12.97 1.78
CA ALA E 35 -19.96 13.77 2.92
C ALA E 35 -19.02 14.92 3.23
N SER E 36 -17.75 14.83 2.84
CA SER E 36 -16.75 15.86 3.10
C SER E 36 -16.73 16.96 2.04
N VAL E 37 -17.64 16.92 1.06
CA VAL E 37 -17.64 17.90 -0.03
C VAL E 37 -18.25 19.20 0.46
N ASN E 38 -17.71 20.32 -0.03
CA ASN E 38 -18.18 21.65 0.35
C ASN E 38 -19.66 21.82 0.03
N GLY E 39 -20.46 21.99 1.08
CA GLY E 39 -21.89 22.19 0.91
C GLY E 39 -22.73 20.94 0.98
N VAL E 40 -22.17 19.81 1.42
CA VAL E 40 -22.93 18.57 1.54
C VAL E 40 -23.61 18.54 2.90
N ASP E 41 -24.94 18.43 2.89
CA ASP E 41 -25.70 18.31 4.13
C ASP E 41 -25.99 16.87 4.54
N SER E 42 -26.12 15.95 3.58
CA SER E 42 -26.62 14.62 3.89
C SER E 42 -26.16 13.66 2.80
N VAL E 43 -25.83 12.44 3.20
CA VAL E 43 -25.47 11.36 2.28
C VAL E 43 -26.11 10.07 2.76
N GLU E 44 -26.80 9.37 1.86
CA GLU E 44 -27.62 8.23 2.24
C GLU E 44 -27.54 7.14 1.17
N ILE E 45 -27.51 5.89 1.62
CA ILE E 45 -27.40 4.74 0.73
C ILE E 45 -28.81 4.27 0.35
N THR E 46 -28.99 3.87 -0.90
CA THR E 46 -30.29 3.37 -1.37
C THR E 46 -30.05 2.28 -2.42
N GLY E 47 -31.13 1.85 -3.06
CA GLY E 47 -31.14 0.77 -4.04
C GLY E 47 -31.24 -0.59 -3.38
N GLU E 48 -31.95 -1.50 -4.06
CA GLU E 48 -31.98 -2.88 -3.58
C GLU E 48 -30.62 -3.57 -3.71
N ASP E 49 -29.70 -3.04 -4.52
CA ASP E 49 -28.34 -3.52 -4.58
C ASP E 49 -27.37 -2.69 -3.74
N LYS E 50 -27.89 -1.80 -2.89
CA LYS E 50 -27.08 -0.94 -2.04
C LYS E 50 -25.95 -0.29 -2.84
N ASP E 51 -26.36 0.37 -3.93
CA ASP E 51 -25.40 0.91 -4.90
C ASP E 51 -25.71 2.35 -5.31
N ARG E 52 -26.60 3.04 -4.60
CA ARG E 52 -26.95 4.42 -4.97
C ARG E 52 -26.72 5.33 -3.76
N LEU E 53 -25.88 6.34 -3.96
CA LEU E 53 -25.69 7.38 -2.95
C LEU E 53 -26.66 8.53 -3.20
N VAL E 54 -27.36 8.93 -2.14
CA VAL E 54 -28.25 10.09 -2.19
C VAL E 54 -27.54 11.23 -1.47
N VAL E 55 -27.15 12.24 -2.23
CA VAL E 55 -26.35 13.36 -1.74
C VAL E 55 -27.21 14.61 -1.81
N VAL E 56 -27.27 15.34 -0.70
CA VAL E 56 -28.08 16.55 -0.61
C VAL E 56 -27.21 17.66 -0.04
N GLY E 57 -27.42 18.88 -0.53
CA GLY E 57 -26.78 20.03 0.06
C GLY E 57 -27.02 21.27 -0.79
N ARG E 58 -26.15 22.25 -0.61
CA ARG E 58 -26.23 23.51 -1.34
C ARG E 58 -24.92 23.78 -2.06
N GLY E 59 -25.03 24.54 -3.14
CA GLY E 59 -23.89 24.93 -3.96
C GLY E 59 -23.02 23.79 -4.44
N ILE E 60 -23.57 22.58 -4.55
CA ILE E 60 -22.78 21.38 -4.83
C ILE E 60 -22.63 21.22 -6.33
N ASP E 61 -21.38 20.99 -6.78
CA ASP E 61 -21.10 20.82 -8.20
C ASP E 61 -21.28 19.34 -8.56
N PRO E 62 -22.34 18.97 -9.28
CA PRO E 62 -22.62 17.53 -9.46
C PRO E 62 -21.64 16.85 -10.39
N VAL E 63 -20.98 17.58 -11.29
CA VAL E 63 -20.05 16.95 -12.21
C VAL E 63 -18.70 16.70 -11.53
N ARG E 64 -18.17 17.71 -10.83
CA ARG E 64 -16.92 17.52 -10.09
C ARG E 64 -17.05 16.47 -9.00
N LEU E 65 -18.27 16.20 -8.53
CA LEU E 65 -18.48 15.16 -7.51
C LEU E 65 -18.44 13.76 -8.13
N VAL E 66 -19.08 13.58 -9.28
CA VAL E 66 -18.97 12.31 -9.99
C VAL E 66 -17.51 12.06 -10.35
N ALA E 67 -16.79 13.11 -10.72
CA ALA E 67 -15.34 13.00 -10.92
C ALA E 67 -14.65 12.58 -9.63
N LEU E 68 -15.10 13.11 -8.49
CA LEU E 68 -14.55 12.75 -7.19
C LEU E 68 -14.92 11.34 -6.76
N LEU E 69 -15.89 10.71 -7.43
CA LEU E 69 -16.27 9.33 -7.12
C LEU E 69 -15.76 8.31 -8.13
N ARG E 70 -15.28 8.73 -9.31
CA ARG E 70 -14.76 7.76 -10.26
C ARG E 70 -13.27 7.48 -10.03
N GLU E 71 -12.48 8.53 -9.82
CA GLU E 71 -11.04 8.35 -9.63
C GLU E 71 -10.67 7.96 -8.21
N LYS E 72 -11.63 7.95 -7.29
CA LYS E 72 -11.39 7.48 -5.93
C LYS E 72 -12.22 6.26 -5.58
N CYS E 73 -13.07 5.78 -6.48
CA CYS E 73 -13.83 4.56 -6.23
C CYS E 73 -13.87 3.71 -7.50
N LEU E 75 -15.67 3.85 -10.58
CA LEU E 75 -16.92 3.90 -11.36
C LEU E 75 -18.04 4.64 -10.63
N ALA E 76 -18.67 5.60 -11.32
CA ALA E 76 -19.78 6.36 -10.78
C ALA E 76 -20.47 7.10 -11.92
N GLU E 77 -21.80 7.23 -11.82
CA GLU E 77 -22.52 8.00 -12.80
C GLU E 77 -23.77 8.61 -12.19
N LEU E 78 -24.11 9.79 -12.70
CA LEU E 78 -25.28 10.52 -12.27
C LEU E 78 -26.56 9.87 -12.78
N LEU E 79 -27.50 9.61 -11.88
CA LEU E 79 -28.84 9.17 -12.27
C LEU E 79 -29.86 10.29 -12.27
N MET E 80 -29.70 11.28 -11.39
CA MET E 80 -30.70 12.31 -11.18
C MET E 80 -30.10 13.49 -10.41
N VAL E 81 -30.38 14.70 -10.86
CA VAL E 81 -30.06 15.90 -10.10
C VAL E 81 -31.35 16.71 -10.00
N GLU E 82 -31.73 17.04 -8.77
CA GLU E 82 -33.01 17.62 -8.46
C GLU E 82 -32.81 18.75 -7.44
N LEU E 83 -33.81 19.62 -7.33
CA LEU E 83 -33.80 20.73 -6.40
C LEU E 83 -34.76 20.49 -5.24
N VAL E 84 -34.49 21.18 -4.13
CA VAL E 84 -35.44 21.35 -3.04
C VAL E 84 -34.91 22.42 -2.09
#